data_2OPO
#
_entry.id   2OPO
#
_cell.length_a   72.240
_cell.length_b   73.874
_cell.length_c   68.939
_cell.angle_alpha   90.00
_cell.angle_beta   90.00
_cell.angle_gamma   90.00
#
_symmetry.space_group_name_H-M   'P 21 21 2'
#
loop_
_entity.id
_entity.type
_entity.pdbx_description
1 polymer 'Polcalcin Che a 3'
2 non-polymer 'CALCIUM ION'
3 non-polymer 'SULFATE ION'
4 water water
#
_entity_poly.entity_id   1
_entity_poly.type   'polypeptide(L)'
_entity_poly.pdbx_seq_one_letter_code
;MAAEDTPQDIADRERIFKRFDTNGDGKISSSELGDALKTLGSVTPDEVRRMMAEIDTDGDGFISFDEFTDFARANRGLVK
DVSKIF
;
_entity_poly.pdbx_strand_id   A,B,C,D
#
# COMPACT_ATOMS: atom_id res chain seq x y z
N THR A 6 7.15 -25.23 -27.51
CA THR A 6 8.27 -24.44 -26.94
C THR A 6 8.77 -23.29 -27.83
N PRO A 7 8.45 -23.31 -29.15
CA PRO A 7 8.63 -22.06 -29.91
C PRO A 7 7.84 -20.88 -29.30
N GLN A 8 6.69 -21.18 -28.71
CA GLN A 8 5.94 -20.21 -27.91
C GLN A 8 6.71 -19.82 -26.64
N ASP A 9 7.46 -20.79 -26.08
CA ASP A 9 8.28 -20.55 -24.88
C ASP A 9 9.38 -19.57 -25.23
N ILE A 10 9.97 -19.72 -26.41
CA ILE A 10 11.00 -18.79 -26.87
C ILE A 10 10.40 -17.40 -27.11
N ALA A 11 9.28 -17.37 -27.83
CA ALA A 11 8.69 -16.11 -28.30
C ALA A 11 8.33 -15.21 -27.14
N ASP A 12 7.70 -15.78 -26.13
CA ASP A 12 7.27 -15.03 -24.95
C ASP A 12 8.47 -14.56 -24.13
N ARG A 13 9.49 -15.41 -24.09
CA ARG A 13 10.72 -15.17 -23.36
C ARG A 13 11.52 -14.07 -24.05
N GLU A 14 11.69 -14.23 -25.36
CA GLU A 14 12.35 -13.21 -26.17
C GLU A 14 11.60 -11.91 -26.05
N ARG A 15 10.27 -11.99 -26.00
CA ARG A 15 9.42 -10.80 -25.94
C ARG A 15 9.57 -10.06 -24.61
N ILE A 16 9.37 -10.73 -23.49
CA ILE A 16 9.56 -10.11 -22.19
C ILE A 16 10.97 -9.56 -22.06
N PHE A 17 12.00 -10.31 -22.49
CA PHE A 17 13.38 -9.83 -22.33
C PHE A 17 13.55 -8.48 -23.05
N LYS A 18 13.09 -8.43 -24.30
CA LYS A 18 13.23 -7.20 -25.10
C LYS A 18 12.49 -6.00 -24.47
N ARG A 19 11.38 -6.25 -23.79
N ARG A 19 11.38 -6.26 -23.79
CA ARG A 19 10.64 -5.18 -23.13
CA ARG A 19 10.66 -5.20 -23.11
C ARG A 19 11.30 -4.71 -21.82
C ARG A 19 11.52 -4.68 -21.99
N PHE A 20 11.97 -5.62 -21.14
CA PHE A 20 12.71 -5.23 -19.92
C PHE A 20 13.99 -4.51 -20.35
N ASP A 21 14.60 -4.95 -21.47
CA ASP A 21 15.88 -4.40 -21.93
C ASP A 21 15.58 -3.18 -22.79
N THR A 22 15.20 -2.13 -22.08
CA THR A 22 14.78 -0.89 -22.73
C THR A 22 15.81 -0.16 -23.58
N ASN A 23 17.12 -0.34 -23.28
CA ASN A 23 18.13 0.32 -24.11
C ASN A 23 18.65 -0.60 -25.21
N GLY A 24 18.20 -1.88 -25.18
CA GLY A 24 18.47 -2.76 -26.28
C GLY A 24 19.91 -3.23 -26.38
N ASP A 25 20.67 -3.11 -25.31
CA ASP A 25 22.08 -3.52 -25.34
C ASP A 25 22.31 -5.05 -25.12
N GLY A 26 21.21 -5.79 -25.00
CA GLY A 26 21.23 -7.25 -24.89
C GLY A 26 21.32 -7.80 -23.47
N LYS A 27 21.34 -6.94 -22.46
CA LYS A 27 21.42 -7.34 -21.07
C LYS A 27 20.50 -6.47 -20.18
N ILE A 28 20.10 -6.97 -19.03
CA ILE A 28 19.17 -6.22 -18.11
C ILE A 28 19.96 -5.73 -16.91
N SER A 29 20.04 -4.41 -16.73
CA SER A 29 20.70 -3.85 -15.58
C SER A 29 19.76 -3.84 -14.38
N SER A 30 20.31 -3.56 -13.20
CA SER A 30 19.48 -3.42 -12.01
C SER A 30 18.37 -2.39 -12.25
N SER A 31 18.74 -1.23 -12.77
CA SER A 31 17.78 -0.15 -13.01
C SER A 31 16.67 -0.63 -13.97
N GLU A 32 17.05 -1.31 -15.04
CA GLU A 32 16.08 -1.86 -16.00
C GLU A 32 15.08 -2.83 -15.29
N LEU A 33 15.61 -3.70 -14.43
CA LEU A 33 14.78 -4.69 -13.73
C LEU A 33 13.84 -3.97 -12.83
N GLY A 34 14.33 -2.95 -12.12
CA GLY A 34 13.48 -2.20 -11.20
C GLY A 34 12.41 -1.43 -11.95
N ASP A 35 12.78 -0.82 -13.08
CA ASP A 35 11.85 -0.07 -13.92
C ASP A 35 10.75 -0.99 -14.44
N ALA A 36 11.10 -2.18 -14.87
CA ALA A 36 10.11 -3.15 -15.37
C ALA A 36 9.12 -3.55 -14.27
N LEU A 37 9.66 -3.97 -13.13
CA LEU A 37 8.80 -4.38 -11.99
C LEU A 37 7.83 -3.29 -11.66
N LYS A 38 8.35 -2.06 -11.57
CA LYS A 38 7.55 -0.90 -11.20
C LYS A 38 6.37 -0.65 -12.12
N THR A 39 6.48 -0.99 -13.39
CA THR A 39 5.33 -0.65 -14.26
C THR A 39 4.06 -1.46 -13.89
N LEU A 40 4.08 -2.20 -12.78
CA LEU A 40 2.90 -2.94 -12.34
C LEU A 40 2.06 -2.18 -11.31
N GLY A 41 2.65 -1.22 -10.63
CA GLY A 41 1.83 -0.32 -9.82
C GLY A 41 0.68 0.25 -10.64
N SER A 42 0.88 0.27 -11.98
CA SER A 42 -0.12 0.70 -12.96
C SER A 42 -0.46 -0.49 -13.86
N VAL A 43 -0.94 -1.57 -13.25
CA VAL A 43 -1.34 -2.71 -14.04
C VAL A 43 -2.77 -2.40 -14.50
N THR A 44 -3.03 -2.50 -15.80
CA THR A 44 -4.35 -2.09 -16.31
C THR A 44 -5.43 -3.06 -15.92
N PRO A 45 -6.68 -2.60 -15.85
CA PRO A 45 -7.81 -3.51 -15.56
C PRO A 45 -7.90 -4.74 -16.50
N ASP A 46 -7.64 -4.53 -17.80
CA ASP A 46 -7.74 -5.61 -18.79
C ASP A 46 -6.61 -6.61 -18.54
N GLU A 47 -5.44 -6.09 -18.20
CA GLU A 47 -4.27 -6.94 -17.92
C GLU A 47 -4.49 -7.82 -16.71
N VAL A 48 -5.13 -7.29 -15.65
CA VAL A 48 -5.41 -8.07 -14.47
C VAL A 48 -6.39 -9.19 -14.80
N ARG A 49 -7.43 -8.85 -15.56
CA ARG A 49 -8.39 -9.84 -16.01
C ARG A 49 -7.73 -10.99 -16.79
N ARG A 50 -6.73 -10.67 -17.61
CA ARG A 50 -6.03 -11.68 -18.40
C ARG A 50 -5.18 -12.61 -17.54
N MET A 51 -4.46 -12.06 -16.57
CA MET A 51 -3.68 -12.87 -15.66
C MET A 51 -4.58 -13.72 -14.78
N MET A 52 -5.68 -13.13 -14.34
CA MET A 52 -6.61 -13.86 -13.52
C MET A 52 -7.06 -15.11 -14.24
N ALA A 53 -7.41 -14.98 -15.51
CA ALA A 53 -7.88 -16.11 -16.31
C ALA A 53 -6.81 -17.21 -16.49
N GLU A 54 -5.55 -16.80 -16.46
CA GLU A 54 -4.47 -17.74 -16.62
C GLU A 54 -4.26 -18.59 -15.36
N ILE A 55 -4.62 -18.10 -14.19
CA ILE A 55 -4.36 -18.82 -12.91
C ILE A 55 -5.67 -19.41 -12.34
N ASP A 56 -6.78 -18.70 -12.52
CA ASP A 56 -8.12 -19.20 -12.13
C ASP A 56 -8.52 -20.19 -13.19
N THR A 57 -8.00 -21.40 -13.06
CA THR A 57 -8.12 -22.43 -14.09
C THR A 57 -9.57 -22.73 -14.46
N ASP A 58 -10.43 -22.80 -13.45
CA ASP A 58 -11.82 -23.25 -13.64
C ASP A 58 -12.77 -22.08 -14.01
N GLY A 59 -12.28 -20.85 -13.99
CA GLY A 59 -13.06 -19.68 -14.42
C GLY A 59 -14.26 -19.39 -13.54
N ASP A 60 -14.15 -19.71 -12.25
CA ASP A 60 -15.16 -19.42 -11.27
C ASP A 60 -14.99 -18.06 -10.61
N GLY A 61 -13.97 -17.33 -11.00
CA GLY A 61 -13.79 -15.96 -10.56
C GLY A 61 -12.90 -15.80 -9.33
N PHE A 62 -12.40 -16.89 -8.79
CA PHE A 62 -11.44 -16.83 -7.67
C PHE A 62 -10.30 -17.77 -7.89
N ILE A 63 -9.15 -17.44 -7.33
CA ILE A 63 -8.04 -18.39 -7.33
C ILE A 63 -8.09 -19.11 -5.99
N SER A 64 -8.30 -20.41 -6.04
CA SER A 64 -8.30 -21.23 -4.86
C SER A 64 -6.88 -21.54 -4.42
N PHE A 65 -6.71 -22.03 -3.19
CA PHE A 65 -5.37 -22.46 -2.76
C PHE A 65 -4.83 -23.58 -3.67
N ASP A 66 -5.69 -24.50 -4.11
CA ASP A 66 -5.23 -25.55 -5.04
C ASP A 66 -4.75 -24.99 -6.37
N GLU A 67 -5.48 -24.02 -6.91
CA GLU A 67 -5.08 -23.35 -8.15
C GLU A 67 -3.76 -22.60 -7.98
N PHE A 68 -3.58 -21.97 -6.82
CA PHE A 68 -2.33 -21.24 -6.49
C PHE A 68 -1.21 -22.24 -6.38
N THR A 69 -1.50 -23.37 -5.72
CA THR A 69 -0.48 -24.45 -5.57
C THR A 69 -0.06 -25.02 -6.91
N ASP A 70 -1.02 -25.31 -7.77
CA ASP A 70 -0.72 -25.77 -9.15
C ASP A 70 0.22 -24.81 -9.88
N PHE A 71 -0.04 -23.50 -9.73
CA PHE A 71 0.81 -22.48 -10.34
C PHE A 71 2.22 -22.52 -9.71
N ALA A 72 2.27 -22.62 -8.39
CA ALA A 72 3.51 -22.61 -7.64
C ALA A 72 4.36 -23.84 -7.95
N ARG A 73 3.73 -25.01 -8.07
CA ARG A 73 4.46 -26.25 -8.38
CA ARG A 73 4.44 -26.26 -8.41
C ARG A 73 5.16 -26.15 -9.76
N ALA A 74 4.55 -25.41 -10.68
CA ALA A 74 5.06 -25.18 -12.01
C ALA A 74 6.10 -24.07 -12.09
N ASN A 75 6.13 -23.22 -11.08
CA ASN A 75 7.01 -22.08 -11.04
C ASN A 75 7.70 -22.01 -9.67
N ARG A 76 8.52 -22.99 -9.34
CA ARG A 76 9.19 -23.02 -8.01
C ARG A 76 10.00 -21.76 -7.69
N GLY A 77 10.61 -21.16 -8.70
CA GLY A 77 11.12 -19.78 -8.56
C GLY A 77 10.06 -18.71 -8.42
N LEU A 78 8.84 -19.10 -8.07
CA LEU A 78 7.85 -18.12 -7.68
C LEU A 78 8.02 -17.90 -6.19
N VAL A 79 7.62 -18.91 -5.43
CA VAL A 79 7.48 -18.82 -4.00
C VAL A 79 8.79 -18.55 -3.33
N LYS A 80 9.84 -19.21 -3.78
CA LYS A 80 11.13 -18.99 -3.18
C LYS A 80 11.49 -17.50 -3.29
N ASP A 81 11.37 -16.94 -4.49
CA ASP A 81 11.72 -15.54 -4.72
C ASP A 81 10.66 -14.57 -4.18
N VAL A 82 9.40 -14.76 -4.57
CA VAL A 82 8.32 -13.84 -4.19
C VAL A 82 8.05 -13.87 -2.70
N SER A 83 7.98 -15.07 -2.13
CA SER A 83 7.68 -15.24 -0.69
C SER A 83 8.76 -14.61 0.16
N LYS A 84 10.02 -14.79 -0.25
CA LYS A 84 11.14 -14.35 0.56
C LYS A 84 11.40 -12.85 0.40
N ILE A 85 11.56 -12.41 -0.84
CA ILE A 85 11.97 -11.03 -1.14
C ILE A 85 10.85 -10.03 -0.87
N PHE A 86 9.69 -10.29 -1.46
CA PHE A 86 8.58 -9.33 -1.48
C PHE A 86 7.63 -9.54 -0.32
N THR B 6 7.42 -30.44 1.87
CA THR B 6 7.78 -30.53 3.32
C THR B 6 6.97 -29.47 4.06
N PRO B 7 6.88 -29.57 5.40
CA PRO B 7 6.10 -28.57 6.14
C PRO B 7 6.49 -27.10 5.83
N GLN B 8 7.79 -26.81 5.66
CA GLN B 8 8.19 -25.44 5.34
C GLN B 8 7.78 -24.99 3.94
N ASP B 9 7.79 -25.93 2.97
CA ASP B 9 7.40 -25.64 1.57
C ASP B 9 5.92 -25.15 1.48
N ILE B 10 5.06 -25.87 2.17
CA ILE B 10 3.65 -25.46 2.29
C ILE B 10 3.52 -24.18 3.09
N ALA B 11 4.23 -24.11 4.22
CA ALA B 11 4.15 -22.93 5.11
C ALA B 11 4.44 -21.65 4.33
N ASP B 12 5.40 -21.76 3.42
CA ASP B 12 5.75 -20.67 2.54
C ASP B 12 4.68 -20.29 1.54
N ARG B 13 4.11 -21.31 0.91
CA ARG B 13 3.08 -21.10 -0.10
CA ARG B 13 3.08 -21.07 -0.09
C ARG B 13 1.85 -20.49 0.56
N GLU B 14 1.53 -21.01 1.72
CA GLU B 14 0.37 -20.51 2.43
C GLU B 14 0.60 -19.06 2.87
N ARG B 15 1.84 -18.73 3.24
CA ARG B 15 2.11 -17.35 3.66
CA ARG B 15 2.28 -17.35 3.58
C ARG B 15 1.87 -16.34 2.52
N ILE B 16 2.27 -16.62 1.28
CA ILE B 16 2.00 -15.74 0.15
C ILE B 16 0.48 -15.70 -0.12
N PHE B 17 -0.14 -16.89 -0.12
CA PHE B 17 -1.60 -16.95 -0.42
C PHE B 17 -2.35 -16.10 0.57
N LYS B 18 -2.05 -16.27 1.85
CA LYS B 18 -2.77 -15.49 2.89
C LYS B 18 -2.45 -14.00 2.78
N ARG B 19 -1.24 -13.64 2.34
CA ARG B 19 -0.95 -12.20 2.15
CA ARG B 19 -0.85 -12.22 2.08
C ARG B 19 -1.77 -11.56 1.03
N PHE B 20 -2.04 -12.34 -0.02
CA PHE B 20 -2.85 -11.88 -1.16
C PHE B 20 -4.34 -11.79 -0.78
N ASP B 21 -4.78 -12.70 0.10
CA ASP B 21 -6.22 -12.86 0.47
C ASP B 21 -6.57 -11.88 1.57
N THR B 22 -6.65 -10.64 1.14
CA THR B 22 -6.82 -9.53 2.13
C THR B 22 -8.16 -9.55 2.81
N ASN B 23 -9.19 -10.09 2.21
CA ASN B 23 -10.49 -10.16 2.95
C ASN B 23 -10.69 -11.46 3.73
N GLY B 24 -9.71 -12.32 3.71
CA GLY B 24 -9.79 -13.55 4.48
C GLY B 24 -10.84 -14.60 4.21
N ASP B 25 -11.39 -14.64 2.99
CA ASP B 25 -12.38 -15.61 2.61
C ASP B 25 -11.82 -16.92 2.03
N GLY B 26 -10.47 -17.04 1.97
CA GLY B 26 -9.88 -18.25 1.58
C GLY B 26 -9.75 -18.37 0.10
N LYS B 27 -10.02 -17.26 -0.61
CA LYS B 27 -9.84 -17.27 -2.08
C LYS B 27 -9.35 -15.94 -2.56
N ILE B 28 -8.60 -15.95 -3.66
CA ILE B 28 -8.06 -14.71 -4.20
CA ILE B 28 -8.05 -14.73 -4.26
C ILE B 28 -8.94 -14.22 -5.40
N SER B 29 -9.50 -13.07 -5.22
CA SER B 29 -10.36 -12.45 -6.22
C SER B 29 -9.53 -11.65 -7.22
N SER B 30 -10.19 -11.21 -8.29
CA SER B 30 -9.53 -10.40 -9.31
C SER B 30 -8.98 -9.11 -8.67
N SER B 31 -9.75 -8.45 -7.79
CA SER B 31 -9.22 -7.18 -7.17
C SER B 31 -8.01 -7.45 -6.23
N GLU B 32 -8.04 -8.59 -5.57
CA GLU B 32 -6.90 -9.03 -4.73
C GLU B 32 -5.65 -9.30 -5.54
N LEU B 33 -5.87 -9.94 -6.68
CA LEU B 33 -4.72 -10.17 -7.59
C LEU B 33 -4.13 -8.86 -8.08
N GLY B 34 -4.96 -7.92 -8.50
CA GLY B 34 -4.53 -6.63 -8.95
C GLY B 34 -3.78 -5.89 -7.84
N ASP B 35 -4.29 -5.98 -6.60
CA ASP B 35 -3.63 -5.29 -5.45
C ASP B 35 -2.24 -5.87 -5.20
N ALA B 36 -2.11 -7.17 -5.29
CA ALA B 36 -0.83 -7.85 -5.14
C ALA B 36 0.16 -7.34 -6.21
N LEU B 37 -0.29 -7.31 -7.48
CA LEU B 37 0.57 -6.87 -8.59
C LEU B 37 0.98 -5.40 -8.36
N LYS B 38 0.05 -4.58 -7.86
CA LYS B 38 0.27 -3.17 -7.59
C LYS B 38 1.31 -2.85 -6.53
N THR B 39 1.59 -3.80 -5.64
CA THR B 39 2.65 -3.59 -4.67
C THR B 39 4.03 -3.53 -5.38
N LEU B 40 4.18 -4.10 -6.56
CA LEU B 40 5.47 -3.98 -7.29
C LEU B 40 5.83 -2.53 -7.71
N GLY B 41 4.84 -1.67 -7.82
CA GLY B 41 5.06 -0.24 -8.03
C GLY B 41 5.94 0.46 -6.97
N SER B 42 6.00 -0.15 -5.78
CA SER B 42 6.85 0.34 -4.73
C SER B 42 7.93 -0.65 -4.39
N VAL B 43 8.40 -1.40 -5.39
CA VAL B 43 9.48 -2.30 -5.10
C VAL B 43 10.69 -1.48 -4.59
N THR B 44 11.39 -2.01 -3.60
CA THR B 44 12.53 -1.26 -3.00
C THR B 44 13.86 -1.57 -3.67
N PRO B 45 14.86 -0.63 -3.59
CA PRO B 45 16.15 -0.95 -4.05
C PRO B 45 16.67 -2.28 -3.53
N ASP B 46 16.50 -2.55 -2.25
CA ASP B 46 16.96 -3.81 -1.69
C ASP B 46 16.27 -5.01 -2.34
N GLU B 47 14.97 -4.90 -2.57
CA GLU B 47 14.26 -6.00 -3.23
C GLU B 47 14.74 -6.25 -4.65
N VAL B 48 14.97 -5.16 -5.37
CA VAL B 48 15.53 -5.31 -6.71
C VAL B 48 16.87 -6.00 -6.61
N ARG B 49 17.75 -5.54 -5.72
CA ARG B 49 19.06 -6.17 -5.61
C ARG B 49 18.96 -7.66 -5.33
N ARG B 50 18.09 -8.03 -4.41
CA ARG B 50 17.91 -9.42 -4.09
C ARG B 50 17.36 -10.22 -5.25
N MET B 51 16.51 -9.65 -6.10
CA MET B 51 16.05 -10.36 -7.29
CA MET B 51 16.02 -10.33 -7.32
C MET B 51 17.16 -10.44 -8.31
N MET B 52 17.95 -9.38 -8.44
CA MET B 52 19.16 -9.49 -9.27
C MET B 52 20.07 -10.63 -8.78
N ALA B 53 20.26 -10.73 -7.46
CA ALA B 53 21.14 -11.78 -6.90
C ALA B 53 20.65 -13.19 -7.31
N GLU B 54 19.34 -13.35 -7.40
CA GLU B 54 18.71 -14.63 -7.79
C GLU B 54 18.94 -15.01 -9.24
N ILE B 55 18.96 -14.02 -10.14
CA ILE B 55 18.96 -14.26 -11.59
C ILE B 55 20.32 -14.01 -12.25
N ASP B 56 21.02 -12.97 -11.80
CA ASP B 56 22.39 -12.67 -12.21
C ASP B 56 23.36 -13.61 -11.49
N THR B 57 23.45 -14.85 -11.99
CA THR B 57 24.31 -15.88 -11.44
C THR B 57 25.80 -15.63 -11.40
N ASP B 58 26.31 -14.99 -12.44
CA ASP B 58 27.76 -14.80 -12.54
C ASP B 58 28.21 -13.52 -11.84
N GLY B 59 27.25 -12.75 -11.35
CA GLY B 59 27.55 -11.66 -10.42
C GLY B 59 28.08 -10.42 -11.10
N ASP B 60 27.97 -10.37 -12.43
CA ASP B 60 28.55 -9.25 -13.17
C ASP B 60 27.67 -7.98 -13.08
N GLY B 61 26.48 -8.12 -12.49
CA GLY B 61 25.61 -6.99 -12.17
C GLY B 61 24.56 -6.82 -13.26
N PHE B 62 24.52 -7.76 -14.20
CA PHE B 62 23.56 -7.71 -15.33
C PHE B 62 22.94 -9.07 -15.47
N ILE B 63 21.72 -9.09 -16.00
CA ILE B 63 21.05 -10.32 -16.36
C ILE B 63 21.24 -10.51 -17.86
N SER B 64 22.00 -11.55 -18.23
CA SER B 64 22.16 -11.91 -19.62
C SER B 64 20.93 -12.63 -20.13
N PHE B 65 20.80 -12.69 -21.45
CA PHE B 65 19.71 -13.47 -22.01
C PHE B 65 19.80 -14.96 -21.58
N ASP B 66 21.03 -15.52 -21.58
CA ASP B 66 21.23 -16.86 -20.98
C ASP B 66 20.73 -16.97 -19.54
N GLU B 67 21.04 -15.97 -18.71
CA GLU B 67 20.63 -16.01 -17.31
C GLU B 67 19.10 -15.92 -17.22
N PHE B 68 18.53 -15.07 -18.07
CA PHE B 68 17.09 -14.92 -18.09
C PHE B 68 16.42 -16.22 -18.53
N THR B 69 17.03 -16.84 -19.51
CA THR B 69 16.49 -18.09 -20.06
C THR B 69 16.48 -19.21 -18.97
N ASP B 70 17.54 -19.26 -18.15
CA ASP B 70 17.68 -20.26 -17.08
C ASP B 70 16.53 -20.09 -16.09
N PHE B 71 16.25 -18.84 -15.72
CA PHE B 71 15.09 -18.51 -14.88
C PHE B 71 13.74 -18.89 -15.53
N ALA B 72 13.60 -18.57 -16.81
CA ALA B 72 12.32 -18.72 -17.53
C ALA B 72 11.99 -20.17 -17.84
N ARG B 73 13.00 -20.97 -18.15
CA ARG B 73 12.76 -22.38 -18.32
C ARG B 73 12.11 -23.01 -17.09
N ALA B 74 12.48 -22.52 -15.91
CA ALA B 74 12.10 -23.08 -14.62
C ALA B 74 10.81 -22.51 -14.13
N ASN B 75 10.35 -21.44 -14.79
CA ASN B 75 9.14 -20.72 -14.43
C ASN B 75 8.32 -20.39 -15.67
N ARG B 76 7.91 -21.43 -16.38
CA ARG B 76 7.32 -21.27 -17.71
C ARG B 76 5.99 -20.58 -17.64
N GLY B 77 5.23 -20.84 -16.58
CA GLY B 77 3.90 -20.26 -16.43
C GLY B 77 3.93 -18.78 -16.10
N LEU B 78 4.80 -18.41 -15.18
CA LEU B 78 5.01 -17.01 -14.88
C LEU B 78 5.32 -16.27 -16.18
N VAL B 79 6.28 -16.81 -16.91
CA VAL B 79 6.74 -16.17 -18.13
C VAL B 79 5.68 -16.07 -19.23
N LYS B 80 4.92 -17.12 -19.44
CA LYS B 80 3.80 -17.05 -20.39
C LYS B 80 2.91 -15.88 -20.01
N ASP B 81 2.48 -15.87 -18.75
CA ASP B 81 1.53 -14.90 -18.19
C ASP B 81 2.03 -13.45 -18.17
N VAL B 82 3.21 -13.25 -17.62
CA VAL B 82 3.87 -11.95 -17.62
C VAL B 82 3.98 -11.39 -19.04
N SER B 83 4.28 -12.26 -19.99
CA SER B 83 4.51 -11.88 -21.37
C SER B 83 3.37 -11.17 -22.08
N LYS B 84 2.23 -11.03 -21.41
CA LYS B 84 1.06 -10.38 -22.00
C LYS B 84 0.84 -8.99 -21.43
N ILE B 85 1.35 -8.75 -20.22
CA ILE B 85 1.45 -7.41 -19.66
C ILE B 85 2.60 -6.64 -20.33
N PHE B 86 3.68 -7.36 -20.65
CA PHE B 86 4.87 -6.79 -21.28
C PHE B 86 4.95 -7.25 -22.73
N ALA C 2 12.94 2.31 3.49
CA ALA C 2 12.54 1.42 2.38
C ALA C 2 11.58 0.34 2.88
N ALA C 3 10.29 0.67 2.90
CA ALA C 3 9.25 -0.31 3.18
C ALA C 3 8.54 -0.56 1.86
N GLU C 4 8.46 -1.81 1.37
CA GLU C 4 7.55 -2.09 0.25
C GLU C 4 6.13 -2.14 0.81
N ASP C 5 5.19 -1.75 -0.01
CA ASP C 5 3.81 -1.93 0.34
C ASP C 5 3.43 -3.41 0.38
N THR C 6 2.50 -3.73 1.27
CA THR C 6 1.87 -5.03 1.33
C THR C 6 0.56 -4.96 0.51
N PRO C 7 0.08 -6.11 0.07
CA PRO C 7 -1.23 -6.01 -0.56
C PRO C 7 -2.33 -5.36 0.33
N GLN C 8 -2.28 -5.61 1.65
CA GLN C 8 -3.23 -5.01 2.64
C GLN C 8 -3.10 -3.50 2.57
N ASP C 9 -1.88 -2.98 2.49
CA ASP C 9 -1.71 -1.50 2.34
C ASP C 9 -2.46 -0.94 1.09
N ILE C 10 -2.31 -1.60 -0.04
CA ILE C 10 -2.95 -1.19 -1.30
C ILE C 10 -4.46 -1.28 -1.12
N ALA C 11 -4.95 -2.40 -0.60
CA ALA C 11 -6.42 -2.54 -0.36
C ALA C 11 -6.98 -1.46 0.51
N ASP C 12 -6.30 -1.17 1.60
CA ASP C 12 -6.69 -0.10 2.52
C ASP C 12 -6.70 1.26 1.86
N ARG C 13 -5.67 1.57 1.09
CA ARG C 13 -5.66 2.89 0.39
C ARG C 13 -6.83 2.97 -0.61
N GLU C 14 -6.99 1.89 -1.39
CA GLU C 14 -8.10 1.85 -2.33
C GLU C 14 -9.49 2.01 -1.66
N ARG C 15 -9.70 1.39 -0.51
CA ARG C 15 -10.96 1.48 0.23
C ARG C 15 -11.24 2.91 0.65
N ILE C 16 -10.21 3.58 1.17
CA ILE C 16 -10.37 4.97 1.62
C ILE C 16 -10.55 5.90 0.41
N PHE C 17 -9.77 5.71 -0.63
CA PHE C 17 -9.89 6.58 -1.80
C PHE C 17 -11.28 6.52 -2.40
N LYS C 18 -11.81 5.31 -2.56
CA LYS C 18 -13.11 5.10 -3.14
CA LYS C 18 -13.11 5.14 -3.16
C LYS C 18 -14.20 5.73 -2.26
N ARG C 19 -14.00 5.72 -0.96
CA ARG C 19 -14.95 6.29 -0.08
C ARG C 19 -14.95 7.80 -0.21
N PHE C 20 -13.77 8.41 -0.28
CA PHE C 20 -13.70 9.88 -0.48
C PHE C 20 -14.21 10.32 -1.88
N ASP C 21 -13.95 9.51 -2.91
CA ASP C 21 -14.26 9.79 -4.28
C ASP C 21 -15.73 9.38 -4.51
N THR C 22 -16.63 10.20 -3.96
CA THR C 22 -18.07 9.88 -3.84
C THR C 22 -18.76 9.82 -5.20
N ASN C 23 -18.20 10.50 -6.21
CA ASN C 23 -18.79 10.40 -7.55
C ASN C 23 -18.16 9.34 -8.39
N GLY C 24 -17.02 8.81 -7.95
CA GLY C 24 -16.36 7.72 -8.68
C GLY C 24 -15.62 7.98 -9.95
N ASP C 25 -15.15 9.21 -10.16
CA ASP C 25 -14.46 9.58 -11.35
C ASP C 25 -12.97 9.38 -11.24
N GLY C 26 -12.50 8.85 -10.10
CA GLY C 26 -11.13 8.52 -9.95
C GLY C 26 -10.26 9.64 -9.44
N LYS C 27 -10.89 10.73 -9.04
CA LYS C 27 -10.12 11.85 -8.48
C LYS C 27 -10.85 12.40 -7.34
N ILE C 28 -10.12 12.95 -6.39
CA ILE C 28 -10.76 13.61 -5.23
C ILE C 28 -10.67 15.13 -5.39
N SER C 29 -11.82 15.80 -5.44
CA SER C 29 -11.90 17.23 -5.58
C SER C 29 -11.81 17.87 -4.19
N SER C 30 -11.65 19.19 -4.16
CA SER C 30 -11.59 19.96 -2.90
CA SER C 30 -11.55 19.87 -2.86
C SER C 30 -12.88 19.71 -2.10
N SER C 31 -13.99 19.72 -2.82
CA SER C 31 -15.28 19.56 -2.14
C SER C 31 -15.36 18.17 -1.53
N GLU C 32 -14.89 17.17 -2.25
CA GLU C 32 -14.88 15.78 -1.81
C GLU C 32 -14.00 15.64 -0.61
N LEU C 33 -12.86 16.33 -0.62
CA LEU C 33 -11.95 16.19 0.54
C LEU C 33 -12.60 16.82 1.78
N GLY C 34 -13.16 18.02 1.61
CA GLY C 34 -13.83 18.75 2.72
C GLY C 34 -15.00 17.94 3.26
N ASP C 35 -15.78 17.32 2.36
CA ASP C 35 -16.91 16.48 2.79
C ASP C 35 -16.43 15.29 3.60
N ALA C 36 -15.34 14.66 3.16
CA ALA C 36 -14.76 13.49 3.83
C ALA C 36 -14.35 13.86 5.23
N LEU C 37 -13.63 14.96 5.35
CA LEU C 37 -13.19 15.48 6.66
C LEU C 37 -14.36 15.73 7.56
N LYS C 38 -15.36 16.48 7.06
CA LYS C 38 -16.53 16.82 7.84
C LYS C 38 -17.30 15.69 8.49
N THR C 39 -17.25 14.49 7.93
CA THR C 39 -18.02 13.37 8.50
C THR C 39 -17.58 13.09 9.98
N LEU C 40 -16.35 13.46 10.29
CA LEU C 40 -15.81 13.36 11.63
C LEU C 40 -16.56 14.20 12.68
N GLY C 41 -17.25 15.22 12.24
CA GLY C 41 -18.11 15.97 13.19
C GLY C 41 -19.18 15.07 13.82
N SER C 42 -19.54 14.01 13.09
CA SER C 42 -20.55 13.04 13.54
C SER C 42 -19.87 11.69 13.84
N VAL C 43 -18.60 11.74 14.24
CA VAL C 43 -17.87 10.51 14.56
C VAL C 43 -18.68 9.79 15.64
N THR C 44 -18.92 8.49 15.43
CA THR C 44 -19.74 7.72 16.37
C THR C 44 -18.92 7.22 17.51
N PRO C 45 -19.58 6.98 18.64
CA PRO C 45 -18.97 6.34 19.77
C PRO C 45 -18.22 5.04 19.46
N ASP C 46 -18.79 4.11 18.69
CA ASP C 46 -18.05 2.90 18.35
CA ASP C 46 -18.08 2.88 18.28
C ASP C 46 -16.76 3.21 17.55
N GLU C 47 -16.82 4.18 16.67
CA GLU C 47 -15.69 4.58 15.89
C GLU C 47 -14.59 5.16 16.77
N VAL C 48 -14.95 6.03 17.69
CA VAL C 48 -13.97 6.58 18.63
C VAL C 48 -13.37 5.47 19.45
N ARG C 49 -14.20 4.52 19.93
CA ARG C 49 -13.63 3.38 20.73
C ARG C 49 -12.57 2.57 19.95
N ARG C 50 -12.88 2.36 18.68
N ARG C 50 -12.86 2.36 18.68
CA ARG C 50 -11.98 1.62 17.79
CA ARG C 50 -11.94 1.61 17.84
C ARG C 50 -10.67 2.37 17.51
C ARG C 50 -10.66 2.39 17.58
N MET C 51 -10.78 3.67 17.28
CA MET C 51 -9.61 4.51 17.06
CA MET C 51 -9.57 4.48 17.05
C MET C 51 -8.73 4.60 18.33
N MET C 52 -9.40 4.78 19.46
CA MET C 52 -8.71 4.83 20.75
C MET C 52 -7.84 3.59 20.92
N ALA C 53 -8.42 2.45 20.61
CA ALA C 53 -7.77 1.18 20.77
C ALA C 53 -6.58 1.00 19.86
N GLU C 54 -6.59 1.64 18.70
N GLU C 54 -6.57 1.68 18.73
CA GLU C 54 -5.43 1.64 17.81
CA GLU C 54 -5.44 1.63 17.82
C GLU C 54 -4.23 2.41 18.38
C GLU C 54 -4.24 2.52 18.21
N ILE C 55 -4.50 3.52 19.04
CA ILE C 55 -3.44 4.41 19.52
C ILE C 55 -3.06 4.15 20.98
N ASP C 56 -4.07 3.80 21.79
CA ASP C 56 -3.85 3.45 23.24
C ASP C 56 -3.35 2.00 23.23
N THR C 57 -2.07 1.83 22.99
CA THR C 57 -1.46 0.54 22.73
C THR C 57 -1.61 -0.41 23.95
N ASP C 58 -1.52 0.15 25.14
CA ASP C 58 -1.59 -0.68 26.38
C ASP C 58 -2.96 -0.87 27.01
N GLY C 59 -3.99 -0.27 26.40
CA GLY C 59 -5.38 -0.53 26.80
C GLY C 59 -5.66 -0.03 28.20
N ASP C 60 -4.90 0.96 28.67
CA ASP C 60 -5.16 1.61 29.98
C ASP C 60 -6.19 2.74 29.95
N GLY C 61 -6.75 3.02 28.78
CA GLY C 61 -7.78 4.02 28.65
C GLY C 61 -7.34 5.44 28.37
N PHE C 62 -6.04 5.62 28.20
CA PHE C 62 -5.49 6.92 27.95
C PHE C 62 -4.40 6.80 26.96
N ILE C 63 -4.29 7.82 26.11
CA ILE C 63 -3.15 7.99 25.20
C ILE C 63 -2.09 8.86 25.88
N SER C 64 -0.97 8.23 26.19
CA SER C 64 0.15 8.88 26.80
C SER C 64 0.89 9.70 25.75
N PHE C 65 1.81 10.59 26.15
CA PHE C 65 2.58 11.35 25.16
C PHE C 65 3.45 10.38 24.35
N ASP C 66 4.04 9.38 25.00
CA ASP C 66 4.82 8.37 24.23
C ASP C 66 4.01 7.58 23.23
N GLU C 67 2.77 7.22 23.56
CA GLU C 67 1.89 6.54 22.60
C GLU C 67 1.50 7.44 21.44
N PHE C 68 1.26 8.69 21.77
CA PHE C 68 0.98 9.72 20.75
C PHE C 68 2.18 9.90 19.86
N THR C 69 3.35 10.04 20.47
CA THR C 69 4.63 10.10 19.70
C THR C 69 4.88 8.89 18.77
N ASP C 70 4.64 7.67 19.23
CA ASP C 70 4.72 6.49 18.37
C ASP C 70 3.84 6.67 17.13
N PHE C 71 2.59 7.08 17.35
CA PHE C 71 1.70 7.40 16.24
C PHE C 71 2.24 8.52 15.32
N ALA C 72 2.69 9.60 15.94
CA ALA C 72 3.13 10.80 15.23
C ALA C 72 4.38 10.55 14.40
N ARG C 73 5.28 9.74 14.95
CA ARG C 73 6.55 9.43 14.28
CA ARG C 73 6.54 9.46 14.25
C ARG C 73 6.29 8.61 13.01
N ALA C 74 5.30 7.75 13.09
CA ALA C 74 4.88 6.90 11.99
C ALA C 74 3.97 7.62 10.96
N ASN C 75 3.46 8.81 11.29
CA ASN C 75 2.57 9.57 10.41
C ASN C 75 2.92 11.06 10.45
N ARG C 76 4.15 11.38 10.09
CA ARG C 76 4.65 12.77 10.17
C ARG C 76 3.90 13.80 9.29
N GLY C 77 3.31 13.33 8.21
CA GLY C 77 2.54 14.20 7.35
C GLY C 77 1.29 14.74 8.01
N LEU C 78 0.60 13.88 8.74
CA LEU C 78 -0.62 14.26 9.41
C LEU C 78 -0.36 15.26 10.56
N VAL C 79 0.80 15.15 11.18
CA VAL C 79 1.20 16.06 12.24
C VAL C 79 1.51 17.41 11.62
N LYS C 80 2.42 17.39 10.65
CA LYS C 80 2.80 18.61 9.94
C LYS C 80 1.64 19.13 9.12
N ASP C 81 0.67 18.28 8.81
CA ASP C 81 -0.58 18.75 8.23
C ASP C 81 -1.23 19.63 9.28
N VAL C 82 -1.73 19.00 10.34
CA VAL C 82 -2.47 19.72 11.37
C VAL C 82 -1.71 20.99 11.82
N SER C 83 -0.43 20.84 12.12
CA SER C 83 0.46 21.96 12.43
C SER C 83 0.32 23.12 11.42
N LYS C 84 0.69 22.89 10.15
CA LYS C 84 0.75 23.96 9.15
C LYS C 84 -0.47 24.05 8.20
N ILE C 85 -1.59 23.42 8.55
CA ILE C 85 -2.90 23.67 7.92
C ILE C 85 -3.85 24.31 8.93
N PHE C 86 -3.98 23.66 10.10
CA PHE C 86 -4.85 24.15 11.18
C PHE C 86 -4.05 25.10 12.07
N ASP D 5 13.82 13.77 14.74
CA ASP D 5 13.17 14.57 15.85
C ASP D 5 14.02 15.81 16.22
N THR D 6 13.77 16.90 15.50
CA THR D 6 14.32 18.22 15.80
C THR D 6 13.53 18.86 16.95
N PRO D 7 14.08 19.93 17.57
CA PRO D 7 13.30 20.65 18.57
C PRO D 7 11.91 21.07 18.07
N GLN D 8 11.81 21.54 16.82
CA GLN D 8 10.51 21.85 16.19
C GLN D 8 9.54 20.67 16.02
N ASP D 9 10.08 19.53 15.59
CA ASP D 9 9.33 18.30 15.57
C ASP D 9 8.62 18.07 16.90
N ILE D 10 9.35 18.05 18.03
CA ILE D 10 8.67 17.79 19.31
C ILE D 10 7.74 18.94 19.67
N ALA D 11 8.15 20.16 19.40
CA ALA D 11 7.31 21.33 19.63
C ALA D 11 5.93 21.16 18.99
N ASP D 12 5.90 20.71 17.73
CA ASP D 12 4.64 20.58 17.01
C ASP D 12 3.78 19.50 17.62
N ARG D 13 4.42 18.38 17.96
CA ARG D 13 3.70 17.26 18.57
CA ARG D 13 3.70 17.27 18.56
C ARG D 13 3.19 17.63 19.94
N GLU D 14 4.00 18.32 20.74
CA GLU D 14 3.54 18.65 22.07
C GLU D 14 2.38 19.68 22.01
N ARG D 15 2.44 20.61 21.05
CA ARG D 15 1.35 21.57 20.79
CA ARG D 15 1.34 21.55 20.88
C ARG D 15 0.05 20.84 20.57
N ILE D 16 0.07 19.85 19.68
CA ILE D 16 -1.15 19.11 19.37
C ILE D 16 -1.63 18.31 20.58
N PHE D 17 -0.68 17.64 21.24
CA PHE D 17 -1.02 16.76 22.38
C PHE D 17 -1.69 17.62 23.42
N LYS D 18 -1.03 18.72 23.77
CA LYS D 18 -1.54 19.61 24.81
C LYS D 18 -2.89 20.23 24.42
N ARG D 19 -3.08 20.49 23.14
CA ARG D 19 -4.34 21.06 22.63
CA ARG D 19 -4.34 21.09 22.70
C ARG D 19 -5.51 20.17 22.98
N PHE D 20 -5.33 18.90 22.76
CA PHE D 20 -6.41 17.97 22.90
C PHE D 20 -6.57 17.38 24.29
N ASP D 21 -5.55 17.54 25.13
CA ASP D 21 -5.65 17.17 26.54
C ASP D 21 -6.40 18.24 27.25
N THR D 22 -7.73 18.15 27.13
CA THR D 22 -8.65 19.18 27.56
C THR D 22 -8.54 19.47 29.01
N ASN D 23 -8.55 18.41 29.80
CA ASN D 23 -8.52 18.54 31.27
C ASN D 23 -7.14 18.69 31.88
N GLY D 24 -6.10 18.76 31.05
CA GLY D 24 -4.77 19.16 31.53
C GLY D 24 -4.07 18.14 32.40
N ASP D 25 -4.54 16.89 32.35
CA ASP D 25 -4.01 15.83 33.20
C ASP D 25 -2.81 15.06 32.64
N GLY D 26 -2.33 15.40 31.43
CA GLY D 26 -1.11 14.84 30.84
C GLY D 26 -1.36 13.61 30.00
N LYS D 27 -2.63 13.28 29.75
CA LYS D 27 -2.95 12.14 28.92
C LYS D 27 -4.27 12.42 28.21
N ILE D 28 -4.45 11.73 27.09
CA ILE D 28 -5.62 11.92 26.26
CA ILE D 28 -5.63 11.91 26.27
C ILE D 28 -6.62 10.77 26.50
N SER D 29 -7.80 11.13 27.03
CA SER D 29 -8.88 10.19 27.24
C SER D 29 -9.70 9.88 25.96
N SER D 30 -10.54 8.84 25.97
CA SER D 30 -11.39 8.54 24.81
CA SER D 30 -11.40 8.54 24.82
C SER D 30 -12.28 9.73 24.46
N SER D 31 -12.84 10.42 25.48
CA SER D 31 -13.67 11.61 25.25
C SER D 31 -12.88 12.74 24.57
N GLU D 32 -11.62 12.90 24.98
CA GLU D 32 -10.75 13.90 24.46
C GLU D 32 -10.40 13.55 23.02
N LEU D 33 -10.20 12.26 22.75
CA LEU D 33 -9.94 11.85 21.39
C LEU D 33 -11.14 12.12 20.48
N GLY D 34 -12.32 11.73 20.94
CA GLY D 34 -13.54 11.94 20.12
C GLY D 34 -13.73 13.44 19.86
N ASP D 35 -13.46 14.26 20.87
CA ASP D 35 -13.59 15.71 20.72
C ASP D 35 -12.56 16.32 19.75
N ALA D 36 -11.37 15.75 19.72
CA ALA D 36 -10.34 16.14 18.76
C ALA D 36 -10.81 15.83 17.36
N LEU D 37 -11.31 14.62 17.14
CA LEU D 37 -11.90 14.25 15.87
C LEU D 37 -13.06 15.18 15.48
N LYS D 38 -13.96 15.53 16.40
CA LYS D 38 -15.04 16.43 16.03
C LYS D 38 -14.51 17.78 15.55
N THR D 39 -13.39 18.24 16.10
CA THR D 39 -12.79 19.52 15.73
C THR D 39 -12.26 19.45 14.30
N LEU D 40 -11.54 18.36 13.99
CA LEU D 40 -11.02 18.13 12.66
C LEU D 40 -12.17 18.23 11.68
N GLY D 41 -13.34 17.83 12.14
CA GLY D 41 -14.57 17.95 11.39
C GLY D 41 -15.03 19.34 11.01
N SER D 42 -14.66 20.39 11.75
CA SER D 42 -15.14 21.78 11.45
C SER D 42 -14.19 22.59 10.51
N VAL D 43 -13.36 21.85 9.81
CA VAL D 43 -12.40 22.44 8.87
CA VAL D 43 -12.43 22.45 8.84
C VAL D 43 -13.06 23.56 8.00
N THR D 44 -12.29 24.62 7.74
CA THR D 44 -12.76 25.72 6.92
C THR D 44 -12.32 25.55 5.47
N PRO D 45 -12.96 26.28 4.55
CA PRO D 45 -12.55 26.19 3.16
C PRO D 45 -11.07 26.51 2.96
N ASP D 46 -10.52 27.49 3.66
CA ASP D 46 -9.10 27.80 3.45
C ASP D 46 -8.22 26.63 3.95
N GLU D 47 -8.62 26.00 5.05
CA GLU D 47 -7.93 24.82 5.58
C GLU D 47 -7.99 23.67 4.61
N VAL D 48 -9.16 23.45 4.01
CA VAL D 48 -9.26 22.40 2.96
C VAL D 48 -8.33 22.73 1.78
N ARG D 49 -8.27 24.00 1.38
CA ARG D 49 -7.39 24.39 0.27
CA ARG D 49 -7.39 24.40 0.29
C ARG D 49 -5.93 24.09 0.63
N ARG D 50 -5.54 24.36 1.87
CA ARG D 50 -4.14 24.15 2.29
CA ARG D 50 -4.15 24.17 2.29
C ARG D 50 -3.79 22.67 2.30
N MET D 51 -4.76 21.83 2.67
CA MET D 51 -4.59 20.38 2.64
CA MET D 51 -4.63 20.38 2.64
C MET D 51 -4.51 19.90 1.21
N MET D 52 -5.35 20.43 0.33
CA MET D 52 -5.22 20.11 -1.10
CA MET D 52 -5.22 20.14 -1.11
C MET D 52 -3.81 20.44 -1.63
N ALA D 53 -3.26 21.60 -1.25
CA ALA D 53 -1.93 21.99 -1.74
C ALA D 53 -0.83 21.02 -1.25
N GLU D 54 -1.05 20.44 -0.07
CA GLU D 54 -0.20 19.40 0.54
C GLU D 54 -0.13 18.12 -0.27
N ILE D 55 -1.27 17.69 -0.76
CA ILE D 55 -1.39 16.37 -1.36
C ILE D 55 -1.46 16.41 -2.89
N ASP D 56 -2.11 17.44 -3.45
CA ASP D 56 -2.18 17.61 -4.87
C ASP D 56 -0.89 18.21 -5.39
N THR D 57 0.11 17.36 -5.55
CA THR D 57 1.44 17.84 -5.89
C THR D 57 1.57 18.35 -7.30
N ASP D 58 0.78 17.85 -8.26
CA ASP D 58 0.85 18.41 -9.61
C ASP D 58 0.01 19.67 -9.86
N GLY D 59 -0.69 20.14 -8.83
CA GLY D 59 -1.49 21.36 -8.89
C GLY D 59 -2.62 21.34 -9.89
N ASP D 60 -3.07 20.15 -10.31
CA ASP D 60 -4.21 20.09 -11.18
C ASP D 60 -5.55 20.28 -10.47
N GLY D 61 -5.58 20.49 -9.15
CA GLY D 61 -6.83 20.77 -8.41
C GLY D 61 -7.55 19.53 -7.82
N PHE D 62 -6.98 18.36 -8.08
CA PHE D 62 -7.55 17.06 -7.67
C PHE D 62 -6.45 16.24 -7.06
N ILE D 63 -6.83 15.36 -6.14
CA ILE D 63 -5.94 14.30 -5.67
C ILE D 63 -6.18 13.02 -6.51
N SER D 64 -5.15 12.62 -7.23
CA SER D 64 -5.14 11.34 -7.90
C SER D 64 -4.86 10.18 -6.97
N PHE D 65 -5.03 8.93 -7.45
CA PHE D 65 -4.70 7.79 -6.61
C PHE D 65 -3.21 7.76 -6.32
N ASP D 66 -2.39 8.11 -7.33
CA ASP D 66 -0.97 8.12 -7.17
C ASP D 66 -0.53 9.19 -6.18
N GLU D 67 -1.17 10.34 -6.18
CA GLU D 67 -0.90 11.36 -5.15
C GLU D 67 -1.36 10.94 -3.75
N PHE D 68 -2.47 10.25 -3.68
CA PHE D 68 -2.95 9.70 -2.43
C PHE D 68 -1.98 8.66 -1.94
N THR D 69 -1.48 7.83 -2.86
CA THR D 69 -0.52 6.79 -2.52
C THR D 69 0.75 7.37 -1.90
N ASP D 70 1.22 8.48 -2.44
CA ASP D 70 2.41 9.13 -1.91
C ASP D 70 2.17 9.55 -0.46
N PHE D 71 1.01 10.13 -0.20
CA PHE D 71 0.64 10.58 1.15
C PHE D 71 0.47 9.37 2.06
N ALA D 72 -0.19 8.32 1.54
CA ALA D 72 -0.51 7.13 2.37
C ALA D 72 0.78 6.37 2.77
N ARG D 73 1.74 6.36 1.86
CA ARG D 73 3.00 5.67 2.12
CA ARG D 73 3.02 5.70 2.08
C ARG D 73 3.79 6.31 3.26
N ALA D 74 3.60 7.61 3.47
CA ALA D 74 4.23 8.32 4.59
C ALA D 74 3.37 8.33 5.87
N ASN D 75 2.16 7.79 5.78
CA ASN D 75 1.20 7.83 6.91
C ASN D 75 0.48 6.50 6.99
N ARG D 76 1.26 5.43 7.15
CA ARG D 76 0.73 4.12 6.93
C ARG D 76 -0.25 3.71 8.06
N GLY D 77 0.05 4.18 9.25
CA GLY D 77 -0.74 3.93 10.45
C GLY D 77 -2.10 4.60 10.38
N LEU D 78 -2.09 5.88 10.05
CA LEU D 78 -3.31 6.60 9.78
C LEU D 78 -4.21 5.87 8.76
N VAL D 79 -3.62 5.41 7.67
CA VAL D 79 -4.39 4.76 6.61
C VAL D 79 -4.98 3.40 7.03
N LYS D 80 -4.21 2.59 7.76
CA LYS D 80 -4.77 1.35 8.28
C LYS D 80 -5.93 1.71 9.23
N ASP D 81 -5.77 2.76 10.03
CA ASP D 81 -6.76 3.08 11.07
C ASP D 81 -8.07 3.57 10.42
N VAL D 82 -7.96 4.55 9.50
CA VAL D 82 -9.13 5.07 8.79
C VAL D 82 -9.86 4.02 7.96
N SER D 83 -9.10 3.12 7.36
CA SER D 83 -9.68 2.14 6.46
CA SER D 83 -9.69 2.16 6.46
C SER D 83 -10.65 1.22 7.19
N LYS D 84 -10.19 0.73 8.35
CA LYS D 84 -10.90 -0.25 9.17
C LYS D 84 -12.12 0.35 9.79
N ILE D 85 -12.00 1.60 10.26
CA ILE D 85 -12.94 2.15 11.22
C ILE D 85 -14.01 2.98 10.59
N PHE D 86 -13.62 3.81 9.63
CA PHE D 86 -14.59 4.69 9.01
C PHE D 86 -15.17 4.13 7.75
#